data_6F59
#
_entry.id   6F59
#
_cell.length_a   75.270
_cell.length_b   75.270
_cell.length_c   288.468
_cell.angle_alpha   90.00
_cell.angle_beta   90.00
_cell.angle_gamma   90.00
#
_symmetry.space_group_name_H-M   'P 43 2 2'
#
loop_
_entity.id
_entity.type
_entity.pdbx_description
1 polymer 'DNA (26-MER)'
2 polymer 'Brachyury protein'
3 non-polymer 'SODIUM ION'
4 non-polymer (4S)-2-METHYL-2,4-PENTANEDIOL
5 water water
#
loop_
_entity_poly.entity_id
_entity_poly.type
_entity_poly.pdbx_seq_one_letter_code
_entity_poly.pdbx_strand_id
1 'polydeoxyribonucleotide'
;(DG)(DA)(DA)(DT)(DT)(DT)(DC)(DA)(DC)(DA)(DC)(DC)(DT)(DA)(DG)(DG)(DT)(DG)(DT)(DG)
(DA)(DA)(DA)(DT)(DT)(DC)
;
C,D
2 'polypeptide(L)'
;MGELRVGLEESELWLRFKELTNEMIVTKNGRRMFPVLKVNVSGLDPNAMYSFLLDFVAADNHRWKYVNGEWVPGGKPEPQ
APSCVYIHPDSPNFGAHWMKAPVSFSKVKLTNKLNGGGQIMLNSLHKYEPRIHIVRVGDPQRMITSHCFPETQFIAVTAY
QNEEITALKIKYNPFAKAFLDAKERSHHHHHH
;
A,B
#
loop_
_chem_comp.id
_chem_comp.type
_chem_comp.name
_chem_comp.formula
DA DNA linking 2'-DEOXYADENOSINE-5'-MONOPHOSPHATE 'C10 H14 N5 O6 P'
DC DNA linking 2'-DEOXYCYTIDINE-5'-MONOPHOSPHATE 'C9 H14 N3 O7 P'
DG DNA linking 2'-DEOXYGUANOSINE-5'-MONOPHOSPHATE 'C10 H14 N5 O7 P'
DT DNA linking THYMIDINE-5'-MONOPHOSPHATE 'C10 H15 N2 O8 P'
MPD non-polymer (4S)-2-METHYL-2,4-PENTANEDIOL 'C6 H14 O2'
NA non-polymer 'SODIUM ION' 'Na 1'
#
# COMPACT_ATOMS: atom_id res chain seq x y z
N GLU C 3 20.49 7.97 21.20
CA GLU C 3 19.12 8.46 21.03
C GLU C 3 18.36 7.69 19.94
N LEU C 4 18.88 7.69 18.72
CA LEU C 4 18.29 6.83 17.68
C LEU C 4 18.47 5.36 18.05
N ARG C 5 17.36 4.66 18.26
CA ARG C 5 17.33 3.24 18.59
C ARG C 5 16.50 2.51 17.55
N VAL C 6 16.98 1.37 17.11
CA VAL C 6 16.23 0.50 16.19
C VAL C 6 16.30 -0.91 16.76
N GLY C 7 15.18 -1.41 17.28
CA GLY C 7 15.13 -2.71 17.91
C GLY C 7 14.32 -3.71 17.09
N LEU C 8 14.70 -4.97 17.18
CA LEU C 8 14.03 -6.03 16.44
C LEU C 8 12.68 -6.34 17.06
N GLU C 9 11.63 -6.34 16.24
CA GLU C 9 10.31 -6.79 16.66
C GLU C 9 10.21 -8.31 16.59
N GLU C 10 9.39 -8.88 17.47
CA GLU C 10 9.11 -10.32 17.47
C GLU C 10 10.41 -11.15 17.46
N SER C 11 11.35 -10.76 18.33
CA SER C 11 12.66 -11.42 18.36
C SER C 11 12.57 -12.90 18.71
N GLU C 12 11.58 -13.29 19.52
CA GLU C 12 11.51 -14.67 19.96
C GLU C 12 11.11 -15.61 18.84
N LEU C 13 10.23 -15.17 17.92
CA LEU C 13 9.96 -15.97 16.73
C LEU C 13 11.21 -16.12 15.88
N TRP C 14 12.03 -15.07 15.82
CA TRP C 14 13.27 -15.17 15.05
C TRP C 14 14.25 -16.17 15.69
N LEU C 15 14.38 -16.17 17.02
CA LEU C 15 15.38 -17.06 17.60
C LEU C 15 14.97 -18.51 17.44
N ARG C 16 13.66 -18.80 17.56
CA ARG C 16 13.17 -20.15 17.27
C ARG C 16 13.64 -20.64 15.90
N PHE C 17 13.70 -19.74 14.92
CA PHE C 17 14.26 -20.11 13.63
C PHE C 17 15.78 -20.13 13.69
N LYS C 18 16.35 -19.15 14.39
CA LYS C 18 17.79 -18.98 14.45
C LYS C 18 18.47 -20.23 15.01
N GLU C 19 17.89 -20.82 16.07
CA GLU C 19 18.51 -21.97 16.72
C GLU C 19 18.76 -23.11 15.74
N LEU C 20 17.81 -23.33 14.83
CA LEU C 20 17.87 -24.48 13.94
C LEU C 20 18.69 -24.20 12.71
N THR C 21 19.36 -23.05 12.67
CA THR C 21 19.88 -22.44 11.46
C THR C 21 18.73 -22.10 10.51
N ASN C 22 18.35 -20.82 10.47
CA ASN C 22 17.22 -20.34 9.68
C ASN C 22 17.52 -20.44 8.18
N GLU C 23 16.46 -20.64 7.39
CA GLU C 23 16.58 -20.74 5.93
C GLU C 23 15.49 -19.90 5.27
N MET C 24 15.85 -19.20 4.20
CA MET C 24 14.91 -18.42 3.40
C MET C 24 14.91 -18.95 1.97
N ILE C 25 13.73 -19.31 1.47
CA ILE C 25 13.58 -19.67 0.06
C ILE C 25 13.83 -18.46 -0.82
N VAL C 26 14.61 -18.65 -1.88
CA VAL C 26 14.64 -17.71 -3.00
C VAL C 26 14.07 -18.45 -4.21
N THR C 27 13.47 -17.71 -5.14
CA THR C 27 12.93 -18.29 -6.35
C THR C 27 13.30 -17.37 -7.51
N LYS C 28 13.01 -17.84 -8.72
CA LYS C 28 13.40 -17.11 -9.92
C LYS C 28 12.80 -15.70 -9.91
N ASN C 29 11.50 -15.61 -9.64
CA ASN C 29 10.82 -14.33 -9.59
C ASN C 29 11.19 -13.62 -8.30
N GLY C 30 10.76 -14.15 -7.17
CA GLY C 30 11.10 -13.55 -5.90
C GLY C 30 10.22 -14.10 -4.79
N ARG C 31 10.79 -14.31 -3.62
CA ARG C 31 10.09 -14.96 -2.53
C ARG C 31 10.06 -14.03 -1.33
N ARG C 32 8.90 -13.92 -0.70
CA ARG C 32 8.81 -13.15 0.53
C ARG C 32 9.55 -13.87 1.64
N MET C 33 10.07 -13.09 2.58
CA MET C 33 10.68 -13.65 3.78
C MET C 33 9.61 -14.11 4.75
N PHE C 34 9.90 -15.22 5.46
CA PHE C 34 9.18 -15.54 6.68
C PHE C 34 10.20 -16.09 7.69
N PRO C 35 10.27 -15.51 8.91
CA PRO C 35 9.44 -14.40 9.39
C PRO C 35 9.74 -13.10 8.66
N VAL C 36 8.85 -12.14 8.75
CA VAL C 36 9.07 -10.84 8.14
C VAL C 36 9.93 -10.01 9.08
N LEU C 37 10.87 -9.25 8.52
CA LEU C 37 11.72 -8.38 9.33
C LEU C 37 10.94 -7.12 9.72
N LYS C 38 10.76 -6.91 11.03
CA LYS C 38 10.07 -5.76 11.58
C LYS C 38 10.92 -5.11 12.67
N VAL C 39 11.00 -3.78 12.66
CA VAL C 39 11.81 -3.07 13.64
C VAL C 39 11.02 -1.92 14.25
N ASN C 40 11.37 -1.59 15.50
CA ASN C 40 10.88 -0.41 16.18
C ASN C 40 11.93 0.67 16.12
N VAL C 41 11.51 1.90 15.89
CA VAL C 41 12.39 3.04 15.73
C VAL C 41 12.00 4.09 16.76
N SER C 42 13.00 4.69 17.40
CA SER C 42 12.79 5.83 18.26
C SER C 42 13.98 6.77 18.12
N GLY C 43 13.78 8.01 18.50
CA GLY C 43 14.86 8.97 18.46
C GLY C 43 15.09 9.65 17.14
N LEU C 44 14.19 9.48 16.17
CA LEU C 44 14.20 10.31 14.98
C LEU C 44 13.59 11.67 15.32
N ASP C 45 13.91 12.65 14.49
CA ASP C 45 13.23 13.94 14.51
C ASP C 45 11.84 13.74 13.91
N PRO C 46 10.78 13.90 14.71
CA PRO C 46 9.41 13.68 14.21
C PRO C 46 9.10 14.41 12.90
N ASN C 47 9.63 15.59 12.70
CA ASN C 47 9.26 16.39 11.54
C ASN C 47 10.29 16.38 10.43
N ALA C 48 11.39 15.63 10.59
CA ALA C 48 12.32 15.49 9.49
C ALA C 48 11.88 14.35 8.57
N MET C 49 12.39 14.37 7.35
CA MET C 49 12.05 13.42 6.30
C MET C 49 13.15 12.38 6.15
N TYR C 50 12.77 11.11 6.15
CA TYR C 50 13.72 10.00 6.13
C TYR C 50 13.28 8.91 5.16
N SER C 51 14.26 8.15 4.65
CA SER C 51 13.96 6.93 3.92
C SER C 51 14.65 5.76 4.61
N PHE C 52 13.99 4.61 4.63
CA PHE C 52 14.55 3.40 5.21
C PHE C 52 14.91 2.44 4.09
N LEU C 53 16.11 1.87 4.16
CA LEU C 53 16.69 0.99 3.17
C LEU C 53 17.04 -0.34 3.80
N LEU C 54 16.97 -1.41 3.02
CA LEU C 54 17.29 -2.74 3.52
C LEU C 54 18.28 -3.39 2.57
N ASP C 55 19.36 -3.97 3.10
CA ASP C 55 20.18 -4.85 2.29
C ASP C 55 20.66 -6.02 3.14
N PHE C 56 21.41 -6.91 2.49
CA PHE C 56 21.84 -8.14 3.13
C PHE C 56 23.34 -8.27 2.96
N VAL C 57 24.02 -8.57 4.06
CA VAL C 57 25.46 -8.67 4.12
C VAL C 57 25.85 -10.12 4.39
N ALA C 58 26.99 -10.54 3.84
CA ALA C 58 27.47 -11.90 4.04
C ALA C 58 27.79 -12.15 5.51
N ALA C 59 27.26 -13.25 6.05
CA ALA C 59 27.48 -13.55 7.44
C ALA C 59 28.76 -14.36 7.65
N ASP C 60 29.26 -15.01 6.60
CA ASP C 60 30.56 -15.65 6.63
C ASP C 60 31.00 -15.86 5.19
N ASN C 61 32.11 -16.57 5.01
CA ASN C 61 32.77 -16.68 3.73
C ASN C 61 32.54 -18.04 3.07
N HIS C 62 31.96 -19.00 3.78
CA HIS C 62 31.76 -20.36 3.30
C HIS C 62 30.47 -20.48 2.51
N ARG C 63 30.52 -21.28 1.45
CA ARG C 63 29.33 -21.93 0.94
C ARG C 63 28.83 -22.94 1.96
N TRP C 64 27.58 -23.35 1.84
CA TRP C 64 27.05 -24.34 2.75
C TRP C 64 26.40 -25.47 1.97
N LYS C 65 26.26 -26.61 2.65
CA LYS C 65 25.45 -27.71 2.17
C LYS C 65 24.91 -28.45 3.40
N TYR C 66 23.80 -29.14 3.20
CA TYR C 66 23.14 -29.89 4.26
C TYR C 66 23.49 -31.36 4.09
N VAL C 67 24.13 -31.96 5.10
CA VAL C 67 24.55 -33.36 5.09
C VAL C 67 24.00 -34.05 6.33
N ASN C 68 23.26 -35.14 6.13
CA ASN C 68 22.57 -35.91 7.18
C ASN C 68 22.15 -35.08 8.39
N GLY C 69 21.19 -34.17 8.21
CA GLY C 69 20.65 -33.42 9.32
C GLY C 69 21.58 -32.43 9.99
N GLU C 70 22.60 -31.94 9.27
CA GLU C 70 23.54 -30.98 9.83
C GLU C 70 24.07 -30.08 8.72
N TRP C 71 24.31 -28.81 9.06
CA TRP C 71 24.84 -27.82 8.14
C TRP C 71 26.37 -27.83 8.23
N VAL C 72 27.04 -28.01 7.10
CA VAL C 72 28.51 -27.95 7.09
C VAL C 72 28.99 -27.06 5.95
N PRO C 73 30.11 -26.33 6.14
CA PRO C 73 30.74 -25.49 5.12
C PRO C 73 31.38 -26.27 3.97
N GLN C 80 32.20 -12.64 -0.71
CA GLN C 80 30.75 -12.50 -0.95
C GLN C 80 30.25 -11.06 -0.76
N ALA C 81 29.93 -10.38 -1.86
CA ALA C 81 29.64 -8.96 -1.84
C ALA C 81 28.25 -8.66 -1.27
N PRO C 82 28.04 -7.44 -0.77
CA PRO C 82 26.70 -7.06 -0.29
C PRO C 82 25.67 -7.03 -1.41
N SER C 83 24.44 -7.37 -1.04
CA SER C 83 23.31 -7.35 -1.96
C SER C 83 22.96 -5.93 -2.39
N CYS C 84 22.11 -5.84 -3.41
CA CYS C 84 21.47 -4.58 -3.75
C CYS C 84 20.52 -4.16 -2.62
N VAL C 85 20.05 -2.92 -2.68
CA VAL C 85 19.19 -2.38 -1.64
C VAL C 85 17.72 -2.51 -2.02
N TYR C 86 16.89 -2.48 -1.00
CA TYR C 86 15.44 -2.42 -1.14
C TYR C 86 14.97 -1.22 -0.33
N ILE C 87 14.29 -0.29 -0.97
CA ILE C 87 13.79 0.89 -0.28
C ILE C 87 12.41 0.57 0.27
N HIS C 88 12.24 0.72 1.59
CA HIS C 88 10.94 0.48 2.18
C HIS C 88 9.87 1.30 1.43
N PRO C 89 8.75 0.71 1.07
CA PRO C 89 7.78 1.42 0.22
C PRO C 89 7.17 2.64 0.90
N ASP C 90 7.21 2.76 2.23
CA ASP C 90 6.73 4.00 2.83
C ASP C 90 7.65 5.19 2.62
N SER C 91 8.90 4.98 2.14
CA SER C 91 9.83 6.09 1.95
C SER C 91 9.37 6.98 0.78
N PRO C 92 9.61 8.30 0.85
CA PRO C 92 10.19 9.04 1.99
C PRO C 92 9.13 9.34 3.02
N ASN C 93 9.46 9.61 4.27
CA ASN C 93 8.36 9.85 5.20
C ASN C 93 8.90 10.49 6.47
N PHE C 94 8.00 11.11 7.21
CA PHE C 94 8.37 11.84 8.41
C PHE C 94 8.80 10.88 9.50
N GLY C 95 9.73 11.35 10.34
CA GLY C 95 10.16 10.56 11.48
C GLY C 95 9.00 10.07 12.32
N ALA C 96 8.00 10.92 12.52
CA ALA C 96 6.77 10.55 13.21
C ALA C 96 6.15 9.28 12.62
N HIS C 97 6.06 9.20 11.29
CA HIS C 97 5.47 8.02 10.67
C HIS C 97 6.29 6.77 10.97
N TRP C 98 7.62 6.85 10.80
CA TRP C 98 8.46 5.69 11.05
C TRP C 98 8.40 5.26 12.50
N MET C 99 8.15 6.19 13.41
CA MET C 99 8.15 5.85 14.83
C MET C 99 6.79 5.41 15.34
N LYS C 100 5.69 5.70 14.64
CA LYS C 100 4.37 5.46 15.22
C LYS C 100 4.02 3.98 15.32
N ALA C 101 4.69 3.13 14.56
CA ALA C 101 4.37 1.71 14.51
C ALA C 101 5.58 0.98 13.94
N PRO C 102 5.70 -0.34 14.16
CA PRO C 102 6.90 -1.04 13.69
C PRO C 102 7.07 -0.88 12.18
N VAL C 103 8.31 -0.76 11.74
CA VAL C 103 8.64 -0.65 10.33
C VAL C 103 8.80 -2.07 9.79
N SER C 104 7.94 -2.49 8.89
CA SER C 104 7.93 -3.89 8.50
C SER C 104 8.23 -4.02 7.01
N PHE C 105 9.22 -4.86 6.70
CA PHE C 105 9.67 -5.08 5.33
C PHE C 105 8.97 -6.28 4.72
N SER C 106 7.64 -6.24 4.77
CA SER C 106 6.87 -7.45 4.46
C SER C 106 6.84 -7.79 2.99
N LYS C 107 7.14 -6.85 2.09
CA LYS C 107 6.94 -7.10 0.68
C LYS C 107 8.24 -7.28 -0.11
N VAL C 108 9.41 -7.17 0.54
CA VAL C 108 10.67 -7.44 -0.16
C VAL C 108 10.64 -8.87 -0.65
N LYS C 109 11.19 -9.09 -1.85
CA LYS C 109 11.24 -10.43 -2.44
C LYS C 109 12.68 -10.86 -2.64
N LEU C 110 13.02 -12.04 -2.13
CA LEU C 110 14.36 -12.59 -2.25
C LEU C 110 14.39 -13.50 -3.47
N THR C 111 15.41 -13.33 -4.31
CA THR C 111 15.50 -14.05 -5.57
C THR C 111 16.93 -14.50 -5.80
N ASN C 112 17.10 -15.40 -6.77
CA ASN C 112 18.43 -15.74 -7.26
C ASN C 112 18.74 -15.06 -8.58
N LYS C 113 17.85 -14.21 -9.08
CA LYS C 113 18.09 -13.49 -10.33
C LYS C 113 17.18 -12.27 -10.37
N LEU C 114 17.76 -11.09 -10.55
CA LEU C 114 16.96 -9.88 -10.66
C LEU C 114 16.17 -9.90 -11.96
N ASN C 115 14.84 -9.85 -11.86
CA ASN C 115 14.00 -9.83 -13.05
C ASN C 115 12.75 -8.99 -12.82
N GLY C 116 12.83 -8.01 -11.93
CA GLY C 116 11.67 -7.23 -11.54
C GLY C 116 12.02 -6.30 -10.41
N GLY C 117 11.04 -5.48 -10.04
CA GLY C 117 11.24 -4.50 -8.98
C GLY C 117 11.00 -5.09 -7.60
N GLY C 118 11.52 -4.39 -6.60
CA GLY C 118 11.36 -4.83 -5.22
C GLY C 118 12.08 -6.12 -4.89
N GLN C 119 13.17 -6.41 -5.57
CA GLN C 119 13.83 -7.70 -5.44
C GLN C 119 15.24 -7.52 -4.90
N ILE C 120 15.66 -8.50 -4.10
CA ILE C 120 17.05 -8.60 -3.62
C ILE C 120 17.56 -9.92 -4.14
N MET C 121 18.64 -9.88 -4.90
CA MET C 121 19.29 -11.10 -5.36
C MET C 121 20.28 -11.59 -4.32
N LEU C 122 20.09 -12.82 -3.88
CA LEU C 122 21.06 -13.52 -3.06
C LEU C 122 21.57 -14.71 -3.85
N ASN C 123 22.65 -15.29 -3.37
CA ASN C 123 23.20 -16.47 -4.04
C ASN C 123 23.02 -17.67 -3.12
N SER C 124 22.50 -18.75 -3.69
CA SER C 124 21.91 -19.82 -2.90
C SER C 124 22.97 -20.56 -2.10
N LEU C 125 22.54 -21.09 -0.96
CA LEU C 125 23.38 -21.84 -0.01
C LEU C 125 24.48 -20.98 0.60
N HIS C 126 24.21 -19.68 0.77
CA HIS C 126 25.09 -18.78 1.52
C HIS C 126 24.32 -18.18 2.69
N LYS C 127 25.05 -17.81 3.73
CA LYS C 127 24.44 -17.21 4.91
C LYS C 127 24.50 -15.70 4.83
N TYR C 128 23.38 -15.05 5.12
CA TYR C 128 23.23 -13.61 4.98
C TYR C 128 22.67 -13.02 6.26
N GLU C 129 23.05 -11.77 6.51
CA GLU C 129 22.55 -11.00 7.64
C GLU C 129 21.81 -9.77 7.12
N PRO C 130 20.55 -9.56 7.48
CA PRO C 130 19.86 -8.30 7.15
C PRO C 130 20.50 -7.09 7.82
N ARG C 131 20.53 -5.99 7.08
CA ARG C 131 21.05 -4.71 7.55
C ARG C 131 20.09 -3.60 7.12
N ILE C 132 19.72 -2.74 8.05
CA ILE C 132 18.80 -1.65 7.77
C ILE C 132 19.57 -0.34 7.82
N HIS C 133 19.25 0.57 6.90
CA HIS C 133 19.86 1.90 6.87
C HIS C 133 18.80 2.98 6.89
N ILE C 134 19.10 4.09 7.56
CA ILE C 134 18.26 5.28 7.62
C ILE C 134 19.04 6.45 7.07
N VAL C 135 18.41 7.23 6.18
CA VAL C 135 19.02 8.44 5.62
C VAL C 135 17.99 9.56 5.71
N ARG C 136 18.48 10.78 6.00
CA ARG C 136 17.63 11.96 6.00
C ARG C 136 17.57 12.52 4.59
N VAL C 137 16.34 12.67 4.06
CA VAL C 137 16.11 13.21 2.73
C VAL C 137 16.51 14.68 2.70
N GLY C 138 17.31 15.06 1.70
CA GLY C 138 17.80 16.42 1.60
C GLY C 138 18.95 16.76 2.52
N ASP C 139 19.51 15.79 3.24
CA ASP C 139 20.67 16.01 4.11
C ASP C 139 21.86 16.44 3.26
N PRO C 140 22.37 17.65 3.43
CA PRO C 140 23.54 18.05 2.64
C PRO C 140 24.77 17.20 2.96
N GLN C 141 24.92 16.71 4.19
CA GLN C 141 25.97 15.73 4.44
C GLN C 141 25.49 14.35 3.99
N ARG C 142 26.42 13.57 3.48
CA ARG C 142 26.10 12.21 3.05
C ARG C 142 26.16 11.34 4.29
N MET C 143 25.04 11.21 5.01
CA MET C 143 25.04 10.56 6.31
C MET C 143 24.06 9.39 6.34
N ILE C 144 24.54 8.24 6.81
CA ILE C 144 23.79 7.01 6.82
C ILE C 144 23.95 6.38 8.18
N THR C 145 22.89 5.80 8.70
CA THR C 145 23.06 4.87 9.80
C THR C 145 22.82 3.45 9.29
N SER C 146 23.42 2.50 9.96
CA SER C 146 23.24 1.10 9.63
C SER C 146 22.97 0.34 10.92
N HIS C 147 22.17 -0.71 10.81
CA HIS C 147 21.74 -1.48 11.97
C HIS C 147 21.66 -2.93 11.51
N CYS C 148 22.44 -3.78 12.15
CA CYS C 148 22.50 -5.21 11.83
C CYS C 148 21.68 -5.99 12.84
N PHE C 149 21.19 -7.15 12.41
CA PHE C 149 20.33 -7.99 13.24
C PHE C 149 20.79 -9.44 13.14
N PRO C 150 21.81 -9.81 13.93
CA PRO C 150 22.31 -11.19 13.87
C PRO C 150 21.26 -12.24 14.17
N GLU C 151 20.25 -11.91 14.98
CA GLU C 151 19.13 -12.82 15.23
C GLU C 151 18.41 -13.26 13.95
N THR C 152 18.52 -12.48 12.87
CA THR C 152 17.76 -12.75 11.66
C THR C 152 18.62 -13.34 10.56
N GLN C 153 19.82 -13.79 10.92
CA GLN C 153 20.67 -14.49 9.95
C GLN C 153 19.96 -15.72 9.41
N PHE C 154 20.31 -16.06 8.18
CA PHE C 154 19.68 -17.19 7.51
C PHE C 154 20.53 -17.60 6.34
N ILE C 155 20.26 -18.81 5.85
CA ILE C 155 20.89 -19.33 4.64
C ILE C 155 19.86 -19.33 3.53
N ALA C 156 20.23 -18.75 2.39
CA ALA C 156 19.38 -18.78 1.21
C ALA C 156 19.39 -20.19 0.62
N VAL C 157 18.22 -20.65 0.19
CA VAL C 157 18.05 -21.98 -0.39
C VAL C 157 16.97 -21.89 -1.45
N THR C 158 16.99 -22.81 -2.41
CA THR C 158 15.86 -22.94 -3.32
C THR C 158 14.86 -23.99 -2.85
N ALA C 159 15.21 -24.78 -1.85
CA ALA C 159 14.28 -25.68 -1.20
C ALA C 159 14.76 -25.86 0.24
N TYR C 160 13.81 -26.01 1.15
CA TYR C 160 14.17 -26.25 2.53
C TYR C 160 14.97 -27.55 2.65
N GLN C 161 15.91 -27.56 3.59
CA GLN C 161 16.75 -28.73 3.82
C GLN C 161 16.59 -29.29 5.23
N ASN C 162 16.61 -28.44 6.27
CA ASN C 162 16.23 -28.93 7.60
C ASN C 162 14.70 -29.01 7.69
N GLU C 163 14.18 -30.24 7.76
CA GLU C 163 12.74 -30.44 7.91
C GLU C 163 12.18 -29.75 9.16
N GLU C 164 13.02 -29.48 10.17
CA GLU C 164 12.51 -28.81 11.36
C GLU C 164 12.20 -27.35 11.08
N ILE C 165 12.91 -26.74 10.14
CA ILE C 165 12.60 -25.38 9.72
C ILE C 165 11.26 -25.34 9.00
N THR C 166 11.08 -26.23 8.01
CA THR C 166 9.81 -26.32 7.30
C THR C 166 8.64 -26.44 8.27
N ALA C 167 8.81 -27.22 9.33
CA ALA C 167 7.75 -27.36 10.33
C ALA C 167 7.41 -26.00 10.95
N LEU C 168 8.44 -25.21 11.29
CA LEU C 168 8.18 -23.89 11.86
C LEU C 168 7.53 -22.96 10.84
N LYS C 169 7.99 -22.98 9.59
CA LYS C 169 7.34 -22.20 8.53
C LYS C 169 5.86 -22.52 8.46
N ILE C 170 5.53 -23.81 8.39
CA ILE C 170 4.15 -24.25 8.28
C ILE C 170 3.37 -23.89 9.54
N LYS C 171 4.05 -23.86 10.69
CA LYS C 171 3.35 -23.60 11.94
C LYS C 171 2.93 -22.14 12.03
N TYR C 172 3.76 -21.23 11.54
CA TYR C 172 3.58 -19.80 11.80
C TYR C 172 3.25 -18.97 10.57
N ASN C 173 3.72 -19.31 9.38
CA ASN C 173 3.33 -18.53 8.20
C ASN C 173 1.87 -18.78 7.83
N PRO C 174 0.97 -17.80 7.97
CA PRO C 174 -0.43 -18.06 7.61
C PRO C 174 -0.62 -18.55 6.19
N PHE C 175 0.23 -18.17 5.25
CA PHE C 175 -0.01 -18.62 3.88
C PHE C 175 0.21 -20.12 3.70
N ALA C 176 0.89 -20.78 4.65
CA ALA C 176 1.10 -22.23 4.61
C ALA C 176 0.07 -22.99 5.47
N LYS C 177 -1.08 -22.38 5.75
CA LYS C 177 -2.06 -23.00 6.63
C LYS C 177 -2.60 -24.31 6.05
N ALA C 178 -2.58 -24.46 4.73
CA ALA C 178 -3.07 -25.70 4.13
C ALA C 178 -2.23 -26.90 4.57
N PHE C 179 -0.93 -26.71 4.77
CA PHE C 179 -0.09 -27.82 5.21
C PHE C 179 -0.17 -28.03 6.72
N LEU C 180 -0.62 -27.04 7.46
CA LEU C 180 -0.74 -27.17 8.89
C LEU C 180 -1.99 -27.92 9.14
N ASP C 181 -3.02 -27.53 8.43
CA ASP C 181 -4.27 -28.21 8.55
C ASP C 181 -4.10 -29.65 8.16
N ALA C 182 -3.43 -29.93 7.07
CA ALA C 182 -3.23 -31.27 6.62
C ALA C 182 -2.58 -32.13 7.65
N LYS C 183 -1.54 -31.64 8.26
CA LYS C 183 -0.85 -32.44 9.22
C LYS C 183 -1.70 -32.63 10.44
N GLU C 184 -2.48 -31.65 10.86
CA GLU C 184 -3.37 -31.87 11.96
C GLU C 184 -4.36 -32.96 11.62
N ARG C 185 -4.91 -33.00 10.41
CA ARG C 185 -5.72 -34.11 9.95
C ARG C 185 -5.08 -35.45 9.95
N SER C 186 -3.83 -35.54 9.56
CA SER C 186 -3.21 -36.83 9.59
C SER C 186 -3.02 -37.22 11.04
N GLY D 2 -2.65 27.23 -16.71
CA GLY D 2 -1.28 27.41 -16.27
C GLY D 2 -0.39 26.21 -16.60
N GLU D 3 0.63 25.98 -15.78
CA GLU D 3 1.55 24.88 -16.04
C GLU D 3 1.17 23.61 -15.28
N LEU D 4 0.72 23.75 -14.04
CA LEU D 4 0.17 22.59 -13.33
C LEU D 4 -1.10 22.11 -14.02
N ARG D 5 -1.13 20.82 -14.35
CA ARG D 5 -2.28 20.21 -15.01
C ARG D 5 -2.58 18.88 -14.33
N VAL D 6 -3.82 18.72 -13.87
CA VAL D 6 -4.31 17.44 -13.36
C VAL D 6 -5.48 17.01 -14.24
N GLY D 7 -5.30 15.94 -15.00
CA GLY D 7 -6.31 15.47 -15.95
C GLY D 7 -6.90 14.14 -15.51
N LEU D 8 -8.23 14.03 -15.65
CA LEU D 8 -8.92 12.79 -15.31
C LEU D 8 -8.51 11.69 -16.27
N GLU D 9 -8.15 10.53 -15.74
CA GLU D 9 -7.84 9.38 -16.59
C GLU D 9 -9.12 8.58 -16.81
N GLU D 10 -9.17 7.88 -17.95
CA GLU D 10 -10.33 7.08 -18.34
C GLU D 10 -11.63 7.85 -18.19
N SER D 11 -11.62 9.08 -18.69
CA SER D 11 -12.79 9.94 -18.54
C SER D 11 -14.02 9.41 -19.27
N GLU D 12 -13.84 8.50 -20.22
CA GLU D 12 -14.98 8.06 -21.02
C GLU D 12 -15.76 6.98 -20.29
N LEU D 13 -15.07 6.09 -19.58
CA LEU D 13 -15.76 5.21 -18.62
C LEU D 13 -16.55 6.03 -17.60
N TRP D 14 -15.91 7.00 -16.94
CA TRP D 14 -16.61 7.88 -16.02
C TRP D 14 -17.87 8.50 -16.67
N LEU D 15 -17.77 8.91 -17.94
CA LEU D 15 -18.91 9.60 -18.54
C LEU D 15 -20.08 8.64 -18.76
N ARG D 16 -19.82 7.36 -19.02
CA ARG D 16 -20.91 6.38 -19.14
C ARG D 16 -21.71 6.28 -17.85
N PHE D 17 -21.02 6.31 -16.69
CA PHE D 17 -21.73 6.29 -15.42
C PHE D 17 -22.44 7.61 -15.19
N LYS D 18 -21.81 8.73 -15.55
CA LYS D 18 -22.37 10.03 -15.25
C LYS D 18 -23.66 10.29 -16.06
N GLU D 19 -23.75 9.79 -17.30
CA GLU D 19 -24.99 9.93 -18.07
C GLU D 19 -26.19 9.41 -17.29
N LEU D 20 -26.03 8.26 -16.64
CA LEU D 20 -27.11 7.64 -15.89
C LEU D 20 -27.35 8.28 -14.51
N THR D 21 -26.52 9.25 -14.13
CA THR D 21 -26.35 9.69 -12.74
C THR D 21 -25.63 8.60 -11.96
N ASN D 22 -24.37 8.84 -11.62
CA ASN D 22 -23.54 7.81 -11.01
C ASN D 22 -23.92 7.56 -9.55
N GLU D 23 -23.68 6.34 -9.08
CA GLU D 23 -23.98 5.94 -7.71
C GLU D 23 -22.77 5.23 -7.09
N MET D 24 -22.52 5.48 -5.82
CA MET D 24 -21.44 4.80 -5.10
C MET D 24 -22.02 4.17 -3.84
N ILE D 25 -21.84 2.87 -3.69
CA ILE D 25 -22.25 2.18 -2.47
C ILE D 25 -21.41 2.69 -1.31
N VAL D 26 -22.07 2.92 -0.18
CA VAL D 26 -21.42 3.11 1.11
C VAL D 26 -21.92 2.02 2.05
N THR D 27 -21.00 1.51 2.87
CA THR D 27 -21.31 0.46 3.84
C THR D 27 -20.80 0.86 5.22
N LYS D 28 -21.15 0.03 6.20
CA LYS D 28 -20.63 0.20 7.55
C LYS D 28 -19.10 0.13 7.57
N ASN D 29 -18.53 -0.86 6.90
CA ASN D 29 -17.09 -1.08 6.95
C ASN D 29 -16.34 -0.34 5.86
N GLY D 30 -17.03 0.41 5.01
CA GLY D 30 -16.34 1.15 3.98
C GLY D 30 -16.32 0.41 2.66
N ARG D 31 -16.47 1.15 1.57
CA ARG D 31 -16.61 0.57 0.25
C ARG D 31 -15.70 1.31 -0.70
N ARG D 32 -14.90 0.56 -1.47
CA ARG D 32 -14.13 1.17 -2.53
C ARG D 32 -15.04 1.79 -3.59
N MET D 33 -14.47 2.77 -4.29
CA MET D 33 -15.16 3.38 -5.41
C MET D 33 -15.00 2.53 -6.66
N PHE D 34 -16.01 2.58 -7.53
CA PHE D 34 -15.82 2.12 -8.89
C PHE D 34 -16.66 2.98 -9.82
N PRO D 35 -16.07 3.58 -10.87
CA PRO D 35 -14.64 3.49 -11.19
C PRO D 35 -13.75 4.15 -10.13
N VAL D 36 -12.47 3.85 -10.19
CA VAL D 36 -11.46 4.44 -9.32
C VAL D 36 -11.03 5.80 -9.88
N LEU D 37 -10.89 6.79 -9.02
CA LEU D 37 -10.35 8.08 -9.44
C LEU D 37 -8.86 7.99 -9.72
N LYS D 38 -8.47 8.23 -10.98
CA LYS D 38 -7.07 8.27 -11.39
C LYS D 38 -6.84 9.55 -12.18
N VAL D 39 -5.70 10.22 -11.94
CA VAL D 39 -5.40 11.47 -12.64
C VAL D 39 -3.98 11.49 -13.17
N ASN D 40 -3.78 12.26 -14.25
CA ASN D 40 -2.47 12.53 -14.83
C ASN D 40 -2.01 13.88 -14.32
N VAL D 41 -0.80 13.95 -13.78
CA VAL D 41 -0.26 15.20 -13.27
C VAL D 41 0.94 15.61 -14.11
N SER D 42 0.98 16.87 -14.50
CA SER D 42 2.20 17.46 -15.05
C SER D 42 2.36 18.87 -14.50
N GLY D 43 3.55 19.43 -14.71
CA GLY D 43 3.82 20.77 -14.24
C GLY D 43 4.19 20.89 -12.77
N LEU D 44 4.48 19.80 -12.09
CA LEU D 44 5.00 19.95 -10.74
C LEU D 44 6.51 20.10 -10.80
N ASP D 45 7.08 20.57 -9.71
CA ASP D 45 8.54 20.61 -9.57
C ASP D 45 9.03 19.19 -9.31
N PRO D 46 9.78 18.57 -10.22
CA PRO D 46 10.22 17.19 -10.00
C PRO D 46 10.84 16.96 -8.64
N ASN D 47 11.48 17.98 -8.08
CA ASN D 47 12.33 17.79 -6.91
C ASN D 47 11.67 18.29 -5.64
N ALA D 48 10.51 18.91 -5.73
CA ALA D 48 9.78 19.32 -4.55
C ALA D 48 9.01 18.13 -3.97
N MET D 49 8.45 18.34 -2.79
CA MET D 49 7.77 17.29 -2.06
C MET D 49 6.30 17.67 -1.95
N TYR D 50 5.41 16.72 -2.23
CA TYR D 50 3.98 16.98 -2.25
C TYR D 50 3.22 15.84 -1.61
N SER D 51 2.08 16.16 -1.01
CA SER D 51 1.09 15.16 -0.64
C SER D 51 -0.20 15.38 -1.44
N PHE D 52 -0.84 14.29 -1.82
CA PHE D 52 -2.10 14.32 -2.56
C PHE D 52 -3.20 13.92 -1.62
N LEU D 53 -4.22 14.76 -1.51
CA LEU D 53 -5.38 14.51 -0.67
C LEU D 53 -6.61 14.40 -1.56
N LEU D 54 -7.60 13.64 -1.10
CA LEU D 54 -8.88 13.51 -1.78
C LEU D 54 -9.98 13.80 -0.77
N ASP D 55 -10.92 14.67 -1.14
CA ASP D 55 -12.15 14.82 -0.37
C ASP D 55 -13.32 14.97 -1.34
N PHE D 56 -14.51 15.10 -0.79
CA PHE D 56 -15.74 15.04 -1.57
C PHE D 56 -16.62 16.23 -1.22
N VAL D 57 -16.82 17.12 -2.18
CA VAL D 57 -17.61 18.33 -1.95
C VAL D 57 -19.09 18.05 -2.27
N ALA D 58 -19.98 18.48 -1.40
CA ALA D 58 -21.40 18.27 -1.59
C ALA D 58 -21.84 19.04 -2.81
N ALA D 59 -22.40 18.33 -3.79
CA ALA D 59 -22.65 18.92 -5.10
C ALA D 59 -23.84 19.86 -5.10
N ASP D 60 -24.70 19.77 -4.08
CA ASP D 60 -25.78 20.72 -3.91
C ASP D 60 -26.20 20.71 -2.45
N ASN D 61 -27.26 21.45 -2.13
CA ASN D 61 -27.61 21.76 -0.76
C ASN D 61 -28.75 20.91 -0.22
N HIS D 62 -29.15 19.86 -0.92
CA HIS D 62 -30.32 19.10 -0.53
C HIS D 62 -29.99 17.61 -0.56
N ARG D 63 -31.02 16.78 -0.69
CA ARG D 63 -30.81 15.35 -0.86
C ARG D 63 -31.55 14.89 -2.12
N TRP D 64 -31.55 13.58 -2.32
CA TRP D 64 -31.97 13.01 -3.59
C TRP D 64 -32.77 11.77 -3.31
N LYS D 65 -33.71 11.49 -4.21
CA LYS D 65 -34.61 10.36 -4.07
C LYS D 65 -34.86 9.80 -5.45
N TYR D 66 -34.78 8.47 -5.56
CA TYR D 66 -35.09 7.76 -6.79
C TYR D 66 -36.57 7.42 -6.79
N VAL D 67 -37.35 8.18 -7.53
CA VAL D 67 -38.81 8.05 -7.57
C VAL D 67 -39.21 7.70 -8.99
N ASN D 68 -39.71 6.49 -9.20
CA ASN D 68 -40.25 6.07 -10.50
C ASN D 68 -39.17 6.08 -11.59
N GLY D 69 -38.01 5.52 -11.28
CA GLY D 69 -36.94 5.44 -12.27
C GLY D 69 -36.25 6.75 -12.58
N GLU D 70 -36.43 7.78 -11.76
CA GLU D 70 -35.81 9.08 -11.99
C GLU D 70 -35.36 9.67 -10.67
N TRP D 71 -34.24 10.39 -10.69
CA TRP D 71 -33.74 11.02 -9.49
C TRP D 71 -34.48 12.32 -9.27
N VAL D 72 -34.92 12.55 -8.03
CA VAL D 72 -35.74 13.71 -7.75
C VAL D 72 -35.17 14.50 -6.58
N PRO D 73 -34.88 15.79 -6.77
CA PRO D 73 -34.52 16.62 -5.62
C PRO D 73 -35.59 16.48 -4.55
N GLY D 74 -35.19 16.01 -3.37
CA GLY D 74 -36.17 15.68 -2.36
C GLY D 74 -35.74 16.05 -0.95
N GLY D 75 -35.29 17.28 -0.75
CA GLY D 75 -34.90 17.71 0.58
C GLY D 75 -35.02 19.21 0.74
N LYS D 76 -35.24 19.63 1.96
CA LYS D 76 -35.09 21.07 2.15
C LYS D 76 -33.63 21.39 2.48
N PRO D 77 -33.18 22.58 2.08
CA PRO D 77 -31.75 22.91 2.14
C PRO D 77 -31.09 22.60 3.48
N GLU D 78 -29.84 22.15 3.41
CA GLU D 78 -29.03 21.75 4.55
C GLU D 78 -27.63 22.33 4.39
N PRO D 79 -26.79 22.27 5.46
CA PRO D 79 -25.53 23.02 5.46
C PRO D 79 -24.46 22.68 4.42
N GLN D 80 -23.22 22.71 4.90
CA GLN D 80 -22.04 23.01 4.09
C GLN D 80 -21.09 21.84 3.89
N ALA D 81 -20.83 21.07 4.94
CA ALA D 81 -19.58 20.33 5.14
C ALA D 81 -19.12 19.55 3.92
N PRO D 82 -17.91 19.81 3.40
CA PRO D 82 -17.19 18.78 2.65
C PRO D 82 -16.68 17.70 3.59
N SER D 83 -16.35 16.56 3.02
CA SER D 83 -15.99 15.38 3.81
C SER D 83 -14.62 15.57 4.45
N CYS D 84 -14.28 14.59 5.28
CA CYS D 84 -12.90 14.43 5.69
C CYS D 84 -12.03 14.15 4.46
N VAL D 85 -10.72 14.21 4.67
CA VAL D 85 -9.78 14.01 3.59
C VAL D 85 -9.21 12.60 3.67
N TYR D 86 -8.89 12.07 2.51
CA TYR D 86 -8.13 10.84 2.38
C TYR D 86 -6.76 11.20 1.83
N ILE D 87 -5.72 10.69 2.46
CA ILE D 87 -4.36 10.98 2.03
C ILE D 87 -3.93 9.87 1.10
N HIS D 88 -3.48 10.21 -0.09
CA HIS D 88 -3.00 9.16 -0.97
C HIS D 88 -1.85 8.40 -0.32
N PRO D 89 -1.86 7.06 -0.37
CA PRO D 89 -0.84 6.28 0.36
C PRO D 89 0.59 6.58 -0.05
N ASP D 90 0.83 7.09 -1.25
CA ASP D 90 2.19 7.43 -1.65
C ASP D 90 2.70 8.70 -0.99
N SER D 91 1.84 9.45 -0.28
CA SER D 91 2.26 10.70 0.34
C SER D 91 3.18 10.44 1.53
N PRO D 92 4.17 11.32 1.76
CA PRO D 92 4.60 12.43 0.91
C PRO D 92 5.50 11.91 -0.19
N ASN D 93 5.69 12.65 -1.28
CA ASN D 93 6.60 12.12 -2.28
C ASN D 93 7.01 13.24 -3.21
N PHE D 94 8.06 12.97 -4.00
CA PHE D 94 8.59 13.96 -4.90
C PHE D 94 7.66 14.16 -6.08
N GLY D 95 7.67 15.39 -6.59
CA GLY D 95 6.89 15.68 -7.79
C GLY D 95 7.12 14.68 -8.90
N ALA D 96 8.36 14.21 -9.06
CA ALA D 96 8.69 13.28 -10.13
C ALA D 96 7.95 11.95 -9.98
N HIS D 97 7.79 11.48 -8.75
CA HIS D 97 7.03 10.26 -8.53
C HIS D 97 5.58 10.47 -8.95
N TRP D 98 5.00 11.61 -8.58
CA TRP D 98 3.60 11.85 -8.89
C TRP D 98 3.38 12.03 -10.38
N MET D 99 4.38 12.52 -11.09
CA MET D 99 4.20 12.72 -12.53
C MET D 99 4.57 11.51 -13.37
N LYS D 100 5.18 10.46 -12.80
CA LYS D 100 5.71 9.40 -13.67
C LYS D 100 4.62 8.45 -14.14
N ALA D 101 3.56 8.29 -13.35
CA ALA D 101 2.48 7.38 -13.65
C ALA D 101 1.19 8.00 -13.11
N PRO D 102 0.03 7.50 -13.51
CA PRO D 102 -1.21 8.13 -13.04
C PRO D 102 -1.38 7.94 -11.54
N VAL D 103 -1.90 8.97 -10.88
CA VAL D 103 -2.11 8.93 -9.45
C VAL D 103 -3.49 8.32 -9.21
N SER D 104 -3.53 7.14 -8.61
CA SER D 104 -4.73 6.35 -8.54
C SER D 104 -5.19 6.22 -7.10
N PHE D 105 -6.43 6.58 -6.84
CA PHE D 105 -6.99 6.51 -5.49
C PHE D 105 -7.77 5.22 -5.28
N SER D 106 -7.13 4.08 -5.55
CA SER D 106 -7.90 2.85 -5.65
C SER D 106 -8.30 2.31 -4.29
N LYS D 107 -7.71 2.77 -3.21
CA LYS D 107 -7.99 2.17 -1.92
C LYS D 107 -8.87 3.02 -1.01
N VAL D 108 -9.23 4.24 -1.41
CA VAL D 108 -10.14 5.02 -0.56
C VAL D 108 -11.43 4.23 -0.37
N LYS D 109 -11.96 4.30 0.84
CA LYS D 109 -13.20 3.60 1.18
C LYS D 109 -14.24 4.60 1.66
N LEU D 110 -15.45 4.51 1.10
CA LEU D 110 -16.56 5.36 1.48
C LEU D 110 -17.46 4.62 2.45
N THR D 111 -17.91 5.32 3.50
CA THR D 111 -18.72 4.71 4.54
C THR D 111 -19.78 5.70 4.98
N ASN D 112 -20.82 5.17 5.65
CA ASN D 112 -21.85 6.01 6.24
C ASN D 112 -21.76 6.04 7.76
N LYS D 113 -20.55 5.95 8.31
CA LYS D 113 -20.43 6.02 9.76
C LYS D 113 -19.07 6.58 10.13
N LEU D 114 -19.06 7.40 11.17
CA LEU D 114 -17.82 7.90 11.76
C LEU D 114 -17.07 6.71 12.36
N ASN D 115 -16.06 6.23 11.64
CA ASN D 115 -15.11 5.23 12.13
C ASN D 115 -13.94 5.25 11.16
N GLY D 116 -13.18 6.34 11.13
CA GLY D 116 -12.35 6.55 9.96
C GLY D 116 -10.93 6.03 10.06
N GLY D 117 -10.69 4.80 9.61
CA GLY D 117 -9.33 4.37 9.39
C GLY D 117 -8.80 4.95 8.09
N GLY D 118 -8.97 6.26 7.90
CA GLY D 118 -8.86 6.87 6.59
C GLY D 118 -10.12 6.76 5.77
N GLN D 119 -11.21 6.25 6.32
CA GLN D 119 -12.45 6.12 5.58
C GLN D 119 -13.19 7.45 5.52
N ILE D 120 -13.89 7.67 4.41
CA ILE D 120 -14.56 8.93 4.16
C ILE D 120 -16.04 8.74 4.43
N MET D 121 -16.55 9.41 5.45
CA MET D 121 -17.96 9.30 5.80
C MET D 121 -18.76 10.22 4.87
N LEU D 122 -19.71 9.65 4.15
CA LEU D 122 -20.62 10.39 3.30
C LEU D 122 -22.05 10.21 3.80
N ASN D 123 -22.93 11.11 3.36
CA ASN D 123 -24.34 11.06 3.70
C ASN D 123 -25.11 10.36 2.59
N SER D 124 -25.76 9.26 2.93
CA SER D 124 -26.51 8.52 1.92
C SER D 124 -27.52 9.43 1.23
N LEU D 125 -27.71 9.18 -0.07
CA LEU D 125 -28.65 9.91 -0.91
C LEU D 125 -28.30 11.40 -1.00
N HIS D 126 -27.03 11.72 -0.83
CA HIS D 126 -26.50 13.03 -1.19
C HIS D 126 -25.53 12.90 -2.35
N LYS D 127 -25.42 13.95 -3.15
CA LYS D 127 -24.57 13.95 -4.34
C LYS D 127 -23.26 14.65 -4.02
N TYR D 128 -22.16 14.11 -4.55
CA TYR D 128 -20.81 14.56 -4.18
C TYR D 128 -19.94 14.73 -5.43
N GLU D 129 -18.94 15.62 -5.35
CA GLU D 129 -17.96 15.80 -6.43
C GLU D 129 -16.54 15.58 -5.91
N PRO D 130 -15.86 14.47 -6.28
CA PRO D 130 -14.46 14.29 -5.87
C PRO D 130 -13.60 15.52 -6.14
N ARG D 131 -12.73 15.83 -5.20
CA ARG D 131 -11.81 16.96 -5.30
C ARG D 131 -10.44 16.51 -4.81
N ILE D 132 -9.40 16.89 -5.53
CA ILE D 132 -8.03 16.51 -5.22
C ILE D 132 -7.27 17.75 -4.81
N HIS D 133 -6.58 17.69 -3.67
CA HIS D 133 -5.68 18.74 -3.21
C HIS D 133 -4.23 18.27 -3.35
N ILE D 134 -3.38 19.10 -3.94
CA ILE D 134 -1.94 18.86 -3.96
C ILE D 134 -1.32 19.83 -2.95
N VAL D 135 -0.73 19.26 -1.89
CA VAL D 135 -0.16 20.01 -0.77
C VAL D 135 1.35 19.95 -0.88
N ARG D 136 1.98 21.13 -1.03
CA ARG D 136 3.44 21.22 -1.11
C ARG D 136 4.05 21.09 0.29
N VAL D 137 4.94 20.11 0.47
CA VAL D 137 5.42 19.77 1.81
C VAL D 137 6.62 20.65 2.15
N GLY D 138 6.67 21.12 3.39
CA GLY D 138 7.80 21.95 3.84
C GLY D 138 7.75 23.38 3.35
N ASP D 139 6.59 23.85 2.92
CA ASP D 139 6.45 25.18 2.36
C ASP D 139 6.04 26.14 3.47
N PRO D 140 6.81 27.18 3.75
CA PRO D 140 6.34 28.16 4.76
C PRO D 140 5.04 28.84 4.34
N GLN D 141 4.74 28.89 3.04
CA GLN D 141 3.47 29.43 2.57
C GLN D 141 2.37 28.39 2.49
N ARG D 142 2.70 27.12 2.76
CA ARG D 142 1.71 26.04 2.79
C ARG D 142 0.83 26.06 1.54
N MET D 143 1.46 26.19 0.38
CA MET D 143 0.67 26.28 -0.83
C MET D 143 -0.09 24.98 -1.06
N ILE D 144 -1.36 25.13 -1.44
CA ILE D 144 -2.23 24.01 -1.78
C ILE D 144 -2.98 24.40 -3.04
N THR D 145 -3.08 23.46 -3.98
CA THR D 145 -3.91 23.62 -5.17
C THR D 145 -4.97 22.52 -5.17
N SER D 146 -6.21 22.92 -5.51
CA SER D 146 -7.39 22.05 -5.53
C SER D 146 -7.92 21.95 -6.94
N HIS D 147 -8.32 20.73 -7.32
CA HIS D 147 -8.96 20.46 -8.60
C HIS D 147 -10.22 19.65 -8.36
N CYS D 148 -11.33 20.04 -9.00
CA CYS D 148 -12.54 19.23 -8.96
C CYS D 148 -12.69 18.44 -10.25
N PHE D 149 -13.46 17.36 -10.18
CA PHE D 149 -13.62 16.48 -11.34
C PHE D 149 -15.11 16.27 -11.59
N PRO D 150 -15.73 17.15 -12.37
CA PRO D 150 -17.19 17.08 -12.57
C PRO D 150 -17.66 15.77 -13.16
N GLU D 151 -16.88 15.14 -14.01
CA GLU D 151 -17.40 13.92 -14.59
C GLU D 151 -17.45 12.75 -13.62
N THR D 152 -16.92 12.91 -12.40
CA THR D 152 -16.91 11.84 -11.40
C THR D 152 -17.96 12.04 -10.32
N GLN D 153 -18.80 13.05 -10.44
CA GLN D 153 -19.91 13.26 -9.51
C GLN D 153 -20.71 11.97 -9.36
N PHE D 154 -21.25 11.78 -8.16
CA PHE D 154 -22.05 10.61 -7.90
C PHE D 154 -22.94 10.90 -6.71
N ILE D 155 -23.91 10.02 -6.50
CA ILE D 155 -24.78 10.05 -5.34
C ILE D 155 -24.43 8.86 -4.47
N ALA D 156 -24.23 9.10 -3.17
CA ALA D 156 -23.95 8.02 -2.25
C ALA D 156 -25.24 7.29 -1.92
N VAL D 157 -25.21 5.95 -2.02
CA VAL D 157 -26.37 5.12 -1.75
C VAL D 157 -25.92 3.90 -0.95
N THR D 158 -26.87 3.30 -0.22
CA THR D 158 -26.59 2.04 0.47
C THR D 158 -26.92 0.83 -0.41
N ALA D 159 -27.68 1.05 -1.48
CA ALA D 159 -27.96 0.01 -2.47
C ALA D 159 -28.22 0.73 -3.79
N TYR D 160 -27.84 0.08 -4.88
CA TYR D 160 -28.04 0.71 -6.18
C TYR D 160 -29.52 0.95 -6.43
N GLN D 161 -29.84 2.16 -6.87
CA GLN D 161 -31.18 2.55 -7.23
C GLN D 161 -31.47 2.28 -8.70
N ASN D 162 -30.60 2.77 -9.57
CA ASN D 162 -30.76 2.64 -11.01
C ASN D 162 -30.13 1.33 -11.45
N GLU D 163 -30.95 0.44 -12.03
CA GLU D 163 -30.45 -0.85 -12.46
C GLU D 163 -29.47 -0.74 -13.62
N GLU D 164 -29.49 0.36 -14.37
CA GLU D 164 -28.48 0.54 -15.42
C GLU D 164 -27.10 0.76 -14.81
N ILE D 165 -27.02 1.48 -13.70
CA ILE D 165 -25.76 1.63 -12.99
C ILE D 165 -25.21 0.26 -12.59
N THR D 166 -26.03 -0.52 -11.87
CA THR D 166 -25.63 -1.87 -11.47
C THR D 166 -25.03 -2.66 -12.63
N ALA D 167 -25.67 -2.60 -13.80
CA ALA D 167 -25.19 -3.34 -14.95
C ALA D 167 -23.80 -2.86 -15.38
N LEU D 168 -23.59 -1.55 -15.40
CA LEU D 168 -22.27 -1.01 -15.74
C LEU D 168 -21.22 -1.45 -14.73
N LYS D 169 -21.56 -1.41 -13.44
CA LYS D 169 -20.62 -1.84 -12.40
C LYS D 169 -20.27 -3.31 -12.58
N ILE D 170 -21.27 -4.14 -12.87
CA ILE D 170 -21.00 -5.56 -13.12
C ILE D 170 -20.13 -5.72 -14.35
N LYS D 171 -20.35 -4.88 -15.36
CA LYS D 171 -19.65 -5.04 -16.64
C LYS D 171 -18.15 -4.78 -16.51
N TYR D 172 -17.75 -3.79 -15.71
CA TYR D 172 -16.36 -3.33 -15.71
C TYR D 172 -15.58 -3.59 -14.41
N ASN D 173 -16.23 -3.70 -13.26
CA ASN D 173 -15.48 -3.95 -12.02
C ASN D 173 -15.08 -5.42 -11.91
N PRO D 174 -13.78 -5.74 -11.95
CA PRO D 174 -13.35 -7.14 -11.92
C PRO D 174 -13.82 -7.90 -10.70
N PHE D 175 -14.02 -7.24 -9.57
CA PHE D 175 -14.44 -7.98 -8.39
C PHE D 175 -15.88 -8.44 -8.50
N ALA D 176 -16.61 -7.96 -9.50
CA ALA D 176 -17.99 -8.34 -9.76
C ALA D 176 -18.11 -9.33 -10.91
N LYS D 177 -16.99 -9.96 -11.30
CA LYS D 177 -16.97 -10.78 -12.50
C LYS D 177 -17.93 -11.95 -12.41
N ALA D 178 -18.13 -12.51 -11.21
CA ALA D 178 -19.05 -13.63 -11.04
C ALA D 178 -20.44 -13.29 -11.55
N PHE D 179 -20.89 -12.05 -11.35
CA PHE D 179 -22.19 -11.67 -11.87
C PHE D 179 -22.16 -11.41 -13.38
N LEU D 180 -21.00 -11.00 -13.90
CA LEU D 180 -20.85 -10.84 -15.34
C LEU D 180 -20.94 -12.19 -16.05
N ASP D 181 -20.15 -13.17 -15.60
CA ASP D 181 -20.20 -14.50 -16.20
C ASP D 181 -21.59 -15.12 -16.08
N ALA D 182 -22.31 -14.82 -14.98
CA ALA D 182 -23.66 -15.33 -14.83
C ALA D 182 -24.62 -14.75 -15.86
N LYS D 183 -24.45 -13.47 -16.23
CA LYS D 183 -25.28 -12.89 -17.27
C LYS D 183 -24.95 -13.48 -18.63
N GLU D 184 -23.67 -13.77 -18.88
CA GLU D 184 -23.28 -14.41 -20.14
C GLU D 184 -23.72 -15.87 -20.17
N ARG D 185 -24.13 -16.43 -19.04
CA ARG D 185 -24.66 -17.79 -19.01
C ARG D 185 -26.11 -17.84 -19.49
N SER D 186 -26.85 -16.75 -19.34
CA SER D 186 -28.26 -16.70 -19.76
C SER D 186 -28.42 -16.51 -21.26
NA NA E . 13.90 -12.46 -9.54
C1 MPD F . 20.38 9.61 9.13
C2 MPD F . 19.98 10.12 10.51
O2 MPD F . 19.50 11.49 10.33
CM MPD F . 18.90 9.21 11.11
C3 MPD F . 21.15 10.10 11.47
C4 MPD F . 21.17 11.33 12.37
O4 MPD F . 20.11 11.26 13.30
C5 MPD F . 22.46 11.40 13.15
#